data_4IN0
#
_entry.id   4IN0
#
_cell.length_a   39.325
_cell.length_b   63.640
_cell.length_c   51.148
_cell.angle_alpha   90.000
_cell.angle_beta   92.290
_cell.angle_gamma   90.000
#
_symmetry.space_group_name_H-M   'P 1 21 1'
#
loop_
_entity.id
_entity.type
_entity.pdbx_description
1 polymer 'Thioredoxin-like protein 4B'
2 branched beta-D-fructofuranose-(2-1)-alpha-D-glucopyranose
3 water water
#
_entity_poly.entity_id   1
_entity_poly.type   'polypeptide(L)'
_entity_poly.pdbx_seq_one_letter_code
;SFLLPKLTSKKEVDQAIKSTAEKVLVLRFGRDEDPVCLQLDDILSKTSSDLSKMAAIYLVDVDQTAVYTQYFDISYIPST
VFFFNGQHMKVDYGSPDHTKFVGSFKTKQDFIDLIEVIYRGAMRGKLIVQSPIDPKNIPKYDLLYQDI
;
_entity_poly.pdbx_strand_id   A,B
#
loop_
_chem_comp.id
_chem_comp.type
_chem_comp.name
_chem_comp.formula
FRU D-saccharide, beta linking beta-D-fructofuranose 'C6 H12 O6'
GLC D-saccharide, alpha linking alpha-D-glucopyranose 'C6 H12 O6'
#
# COMPACT_ATOMS: atom_id res chain seq x y z
N SER A 1 -9.76 19.66 -16.29
CA SER A 1 -11.00 19.95 -17.07
CA SER A 1 -10.98 19.97 -17.00
C SER A 1 -12.14 19.31 -16.31
N PHE A 2 -13.35 19.82 -16.61
CA PHE A 2 -14.60 19.20 -16.14
C PHE A 2 -14.83 17.81 -16.50
N LEU A 3 -14.27 17.44 -17.64
CA LEU A 3 -14.40 16.11 -18.13
C LEU A 3 -13.05 15.49 -17.80
N LEU A 4 -13.02 14.84 -16.63
CA LEU A 4 -11.79 14.30 -16.08
C LEU A 4 -11.20 13.19 -16.93
N PRO A 5 -9.87 13.05 -16.85
CA PRO A 5 -9.22 12.03 -17.67
C PRO A 5 -9.61 10.64 -17.32
N LYS A 6 -9.79 9.72 -18.23
CA LYS A 6 -10.04 8.35 -18.04
C LYS A 6 -8.84 7.50 -18.17
N LEU A 7 -8.68 6.49 -17.33
CA LEU A 7 -7.62 5.51 -17.39
C LEU A 7 -8.27 4.17 -17.62
N THR A 8 -7.81 3.44 -18.64
CA THR A 8 -8.46 2.23 -19.09
C THR A 8 -7.55 1.01 -19.22
N SER A 9 -6.38 1.06 -18.59
CA SER A 9 -5.51 -0.08 -18.57
C SER A 9 -4.62 0.01 -17.35
N LYS A 10 -4.06 -1.16 -16.99
CA LYS A 10 -3.10 -1.20 -15.91
C LYS A 10 -1.93 -0.24 -16.14
N LYS A 11 -1.39 -0.26 -17.37
CA LYS A 11 -0.25 0.57 -17.65
C LYS A 11 -0.56 2.07 -17.53
N GLU A 12 -1.79 2.46 -17.89
CA GLU A 12 -2.16 3.85 -17.75
C GLU A 12 -2.25 4.29 -16.25
N VAL A 13 -2.75 3.36 -15.42
CA VAL A 13 -2.80 3.62 -13.97
C VAL A 13 -1.38 3.67 -13.37
N ASP A 14 -0.54 2.71 -13.81
CA ASP A 14 0.81 2.73 -13.36
C ASP A 14 1.46 4.09 -13.60
N GLN A 15 1.25 4.55 -14.88
CA GLN A 15 1.80 5.79 -15.26
C GLN A 15 1.30 7.04 -14.51
N ALA A 16 -0.03 7.08 -14.26
CA ALA A 16 -0.55 8.22 -13.50
C ALA A 16 0.03 8.25 -12.04
N ILE A 17 0.19 7.02 -11.50
CA ILE A 17 0.79 6.94 -10.11
C ILE A 17 2.20 7.55 -10.14
N LYS A 18 2.97 7.20 -11.20
CA LYS A 18 4.33 7.74 -11.29
C LYS A 18 4.43 9.19 -11.66
N SER A 19 3.48 9.65 -12.47
CA SER A 19 3.66 10.95 -13.13
C SER A 19 3.09 12.13 -12.35
N THR A 20 2.28 11.86 -11.36
CA THR A 20 1.59 12.96 -10.62
C THR A 20 2.53 13.37 -9.50
N ALA A 21 3.12 14.53 -9.58
CA ALA A 21 4.18 14.96 -8.66
C ALA A 21 3.69 16.04 -7.78
N GLU A 22 3.91 15.88 -6.49
CA GLU A 22 3.63 16.96 -5.51
C GLU A 22 2.15 17.38 -5.40
N LYS A 23 1.28 16.46 -5.77
CA LYS A 23 -0.16 16.67 -5.66
CA LYS A 23 -0.19 16.65 -5.67
C LYS A 23 -0.76 15.33 -5.25
N VAL A 24 -1.94 15.41 -4.61
CA VAL A 24 -2.69 14.20 -4.33
C VAL A 24 -3.23 13.62 -5.61
N LEU A 25 -2.94 12.39 -5.90
CA LEU A 25 -3.52 11.63 -7.02
C LEU A 25 -4.80 10.98 -6.55
N VAL A 26 -5.93 11.23 -7.15
CA VAL A 26 -7.22 10.73 -6.80
C VAL A 26 -7.65 9.73 -7.83
N LEU A 27 -7.79 8.48 -7.61
CA LEU A 27 -8.19 7.44 -8.54
C LEU A 27 -9.58 6.97 -8.24
N ARG A 28 -10.60 7.28 -8.99
CA ARG A 28 -11.96 6.84 -8.80
C ARG A 28 -12.16 5.56 -9.52
N PHE A 29 -12.28 4.40 -8.89
CA PHE A 29 -12.56 3.14 -9.52
C PHE A 29 -14.07 2.99 -9.60
N GLY A 30 -14.59 2.89 -10.81
CA GLY A 30 -16.05 2.81 -11.00
C GLY A 30 -16.41 2.61 -12.47
N ARG A 31 -17.68 2.92 -12.75
CA ARG A 31 -18.28 2.80 -14.04
CA ARG A 31 -18.25 2.83 -14.05
C ARG A 31 -19.03 4.10 -14.29
N ASP A 32 -18.82 4.74 -15.41
CA ASP A 32 -19.31 6.07 -15.62
C ASP A 32 -20.81 6.20 -15.55
N GLU A 33 -21.56 5.12 -15.86
CA GLU A 33 -23.03 5.10 -15.95
CA GLU A 33 -23.02 5.29 -15.84
C GLU A 33 -23.72 4.72 -14.60
N ASP A 34 -22.95 4.24 -13.65
CA ASP A 34 -23.47 3.76 -12.35
C ASP A 34 -24.00 4.93 -11.52
N PRO A 35 -25.27 4.83 -10.97
CA PRO A 35 -25.83 5.91 -10.22
C PRO A 35 -24.96 6.51 -9.14
N VAL A 36 -24.33 5.70 -8.28
CA VAL A 36 -23.52 6.31 -7.22
C VAL A 36 -22.25 6.92 -7.82
N CYS A 37 -21.72 6.32 -8.86
CA CYS A 37 -20.57 6.90 -9.58
C CYS A 37 -20.97 8.25 -10.18
N LEU A 38 -22.19 8.36 -10.73
CA LEU A 38 -22.67 9.63 -11.27
C LEU A 38 -22.70 10.68 -10.20
N GLN A 39 -23.16 10.32 -9.00
CA GLN A 39 -23.17 11.28 -7.90
C GLN A 39 -21.76 11.75 -7.58
N LEU A 40 -20.87 10.78 -7.39
CA LEU A 40 -19.49 11.10 -6.98
C LEU A 40 -18.76 11.88 -8.11
N ASP A 41 -18.98 11.44 -9.35
CA ASP A 41 -18.26 12.09 -10.47
C ASP A 41 -18.70 13.55 -10.63
N ASP A 42 -19.95 13.88 -10.28
CA ASP A 42 -20.35 15.22 -10.30
C ASP A 42 -19.56 16.07 -9.32
N ILE A 43 -19.40 15.58 -8.07
CA ILE A 43 -18.56 16.27 -7.09
C ILE A 43 -17.12 16.36 -7.54
N LEU A 44 -16.54 15.24 -8.04
CA LEU A 44 -15.15 15.29 -8.49
C LEU A 44 -14.94 16.32 -9.63
N SER A 45 -15.86 16.33 -10.56
CA SER A 45 -15.79 17.25 -11.70
C SER A 45 -15.87 18.71 -11.24
N LYS A 46 -16.89 19.00 -10.39
CA LYS A 46 -17.20 20.35 -9.93
C LYS A 46 -16.21 20.97 -9.01
N THR A 47 -15.42 20.13 -8.34
CA THR A 47 -14.37 20.62 -7.42
C THR A 47 -12.98 20.57 -8.02
N SER A 48 -12.82 19.86 -9.14
CA SER A 48 -11.48 19.62 -9.71
C SER A 48 -10.69 20.88 -9.96
N SER A 49 -11.34 21.89 -10.53
CA SER A 49 -10.64 23.08 -10.89
C SER A 49 -10.10 23.82 -9.70
N ASP A 50 -10.93 24.02 -8.69
CA ASP A 50 -10.40 24.75 -7.55
C ASP A 50 -9.47 23.92 -6.66
N LEU A 51 -9.45 22.61 -6.86
CA LEU A 51 -8.45 21.75 -6.24
C LEU A 51 -7.20 21.52 -7.06
N SER A 52 -7.06 22.16 -8.22
CA SER A 52 -6.02 21.85 -9.16
C SER A 52 -4.60 22.08 -8.67
N LYS A 53 -4.38 22.92 -7.69
CA LYS A 53 -3.06 23.08 -7.12
CA LYS A 53 -3.04 23.07 -7.11
C LYS A 53 -2.69 21.96 -6.16
N MET A 54 -3.65 21.24 -5.65
CA MET A 54 -3.43 20.21 -4.62
C MET A 54 -3.67 18.77 -5.09
N ALA A 55 -4.43 18.57 -6.22
CA ALA A 55 -4.89 17.27 -6.59
C ALA A 55 -5.04 17.09 -8.10
N ALA A 56 -4.83 15.89 -8.55
CA ALA A 56 -5.15 15.50 -9.95
C ALA A 56 -6.05 14.30 -9.88
N ILE A 57 -7.19 14.39 -10.48
CA ILE A 57 -8.22 13.39 -10.39
C ILE A 57 -8.34 12.57 -11.65
N TYR A 58 -8.50 11.31 -11.65
CA TYR A 58 -8.68 10.39 -12.77
C TYR A 58 -9.83 9.47 -12.60
N LEU A 59 -10.55 9.05 -13.60
CA LEU A 59 -11.58 8.11 -13.57
C LEU A 59 -11.11 6.79 -14.06
N VAL A 60 -11.07 5.72 -13.30
CA VAL A 60 -10.50 4.46 -13.66
C VAL A 60 -11.64 3.51 -13.98
N ASP A 61 -11.61 2.94 -15.17
CA ASP A 61 -12.59 2.06 -15.65
C ASP A 61 -12.32 0.69 -15.08
N VAL A 62 -13.12 0.25 -14.11
CA VAL A 62 -13.03 -1.14 -13.61
C VAL A 62 -13.54 -2.22 -14.67
N ASP A 63 -14.19 -1.84 -15.77
CA ASP A 63 -14.64 -2.83 -16.77
C ASP A 63 -13.59 -3.01 -17.88
N GLN A 64 -12.48 -2.27 -17.82
CA GLN A 64 -11.43 -2.41 -18.84
C GLN A 64 -10.11 -2.82 -18.22
N THR A 65 -9.99 -2.65 -16.92
CA THR A 65 -8.83 -3.06 -16.24
C THR A 65 -9.22 -3.31 -14.84
N ALA A 66 -8.62 -4.37 -14.26
CA ALA A 66 -9.05 -5.12 -13.05
C ALA A 66 -7.87 -5.52 -12.15
N VAL A 67 -6.65 -5.53 -12.67
CA VAL A 67 -5.42 -5.71 -11.83
C VAL A 67 -5.43 -4.86 -10.52
N TYR A 68 -5.66 -3.58 -10.67
CA TYR A 68 -5.73 -2.69 -9.57
C TYR A 68 -6.93 -2.90 -8.65
N THR A 69 -8.04 -3.32 -9.23
CA THR A 69 -9.22 -3.56 -8.46
C THR A 69 -8.92 -4.67 -7.42
N GLN A 70 -8.27 -5.72 -7.81
CA GLN A 70 -7.81 -6.79 -6.90
C GLN A 70 -6.76 -6.25 -5.89
N TYR A 71 -5.85 -5.47 -6.38
CA TYR A 71 -4.80 -4.91 -5.58
C TYR A 71 -5.34 -4.09 -4.40
N PHE A 72 -6.39 -3.32 -4.64
CA PHE A 72 -6.94 -2.51 -3.57
C PHE A 72 -8.14 -3.19 -2.92
N ASP A 73 -8.38 -4.47 -3.19
CA ASP A 73 -9.46 -5.20 -2.55
C ASP A 73 -10.80 -4.50 -2.72
N ILE A 74 -11.07 -4.09 -3.95
CA ILE A 74 -12.29 -3.37 -4.25
C ILE A 74 -13.39 -4.37 -4.54
N SER A 75 -14.45 -4.32 -3.79
CA SER A 75 -15.68 -5.18 -3.91
CA SER A 75 -15.69 -5.18 -3.94
C SER A 75 -16.91 -4.36 -4.36
N TYR A 76 -16.86 -3.07 -4.10
CA TYR A 76 -17.98 -2.14 -4.34
C TYR A 76 -17.46 -0.93 -5.04
N ILE A 77 -18.24 -0.42 -5.97
CA ILE A 77 -17.91 0.78 -6.69
C ILE A 77 -18.99 1.81 -6.42
N PRO A 78 -18.60 3.09 -6.46
CA PRO A 78 -17.24 3.55 -6.60
C PRO A 78 -16.41 3.32 -5.33
N SER A 79 -15.12 3.09 -5.56
CA SER A 79 -14.06 3.12 -4.54
C SER A 79 -13.00 4.09 -4.95
N THR A 80 -12.58 5.00 -4.16
CA THR A 80 -11.64 6.08 -4.46
C THR A 80 -10.41 5.92 -3.67
N VAL A 81 -9.23 5.92 -4.25
CA VAL A 81 -7.96 5.73 -3.67
CA VAL A 81 -7.94 5.81 -3.59
C VAL A 81 -7.08 6.96 -3.78
N PHE A 82 -6.24 7.33 -2.86
CA PHE A 82 -5.44 8.44 -2.81
C PHE A 82 -3.99 8.06 -2.76
N PHE A 83 -3.14 8.75 -3.56
CA PHE A 83 -1.72 8.58 -3.60
C PHE A 83 -0.99 9.88 -3.50
N PHE A 84 0.27 9.87 -3.07
CA PHE A 84 1.09 11.05 -3.12
C PHE A 84 2.53 10.66 -3.40
N ASN A 85 3.08 11.16 -4.55
CA ASN A 85 4.45 10.82 -5.00
C ASN A 85 4.65 9.33 -5.07
N GLY A 86 3.69 8.58 -5.59
CA GLY A 86 3.84 7.20 -5.81
C GLY A 86 3.50 6.30 -4.68
N GLN A 87 3.15 6.90 -3.54
CA GLN A 87 2.84 6.03 -2.44
CA GLN A 87 2.92 6.23 -2.25
C GLN A 87 1.39 6.23 -1.98
N HIS A 88 0.77 5.08 -1.75
CA HIS A 88 -0.59 5.04 -1.30
C HIS A 88 -0.79 5.81 0.04
N MET A 89 -1.80 6.60 0.15
CA MET A 89 -2.21 7.30 1.37
CA MET A 89 -2.15 7.13 1.41
C MET A 89 -3.40 6.58 1.99
N LYS A 90 -3.33 6.38 3.33
CA LYS A 90 -4.52 5.92 4.08
C LYS A 90 -5.17 7.12 4.77
N VAL A 91 -6.48 6.96 4.96
CA VAL A 91 -7.32 7.95 5.64
C VAL A 91 -8.24 7.18 6.61
N ASP A 92 -8.23 7.63 7.89
CA ASP A 92 -9.22 7.08 8.84
C ASP A 92 -10.53 7.85 8.81
N TYR A 93 -11.52 7.27 8.14
CA TYR A 93 -12.86 7.83 8.04
C TYR A 93 -13.77 7.54 9.23
N GLY A 94 -13.33 6.68 10.12
CA GLY A 94 -14.14 6.13 11.18
C GLY A 94 -14.68 4.74 10.90
N SER A 95 -14.40 4.17 9.74
CA SER A 95 -14.71 2.82 9.38
C SER A 95 -13.43 1.99 9.36
N PRO A 96 -13.51 0.63 9.32
CA PRO A 96 -12.23 -0.12 9.45
C PRO A 96 -11.31 0.04 8.30
N ASP A 97 -11.80 0.28 7.09
CA ASP A 97 -10.97 0.29 5.90
C ASP A 97 -10.48 1.71 5.65
N HIS A 98 -9.18 1.91 5.87
CA HIS A 98 -8.55 3.16 5.63
C HIS A 98 -7.97 3.32 4.20
N THR A 99 -7.97 2.26 3.44
N THR A 99 -7.99 2.22 3.45
CA THR A 99 -7.26 2.34 2.15
CA THR A 99 -7.33 2.11 2.13
C THR A 99 -8.04 2.97 1.06
C THR A 99 -8.06 2.80 1.02
N LYS A 100 -9.34 2.99 1.12
CA LYS A 100 -10.17 3.54 0.05
C LYS A 100 -11.43 4.13 0.64
N PHE A 101 -12.02 5.11 -0.01
CA PHE A 101 -13.29 5.68 0.30
C PHE A 101 -14.33 5.03 -0.52
N VAL A 102 -15.37 4.48 0.04
CA VAL A 102 -16.39 3.72 -0.65
C VAL A 102 -17.68 4.53 -0.76
N GLY A 103 -18.16 4.80 -1.98
CA GLY A 103 -19.34 5.55 -2.25
C GLY A 103 -19.11 6.98 -2.60
N SER A 104 -20.12 7.81 -2.48
CA SER A 104 -20.04 9.16 -2.83
C SER A 104 -19.94 10.06 -1.61
N PHE A 105 -19.29 11.19 -1.73
CA PHE A 105 -19.28 12.28 -0.75
C PHE A 105 -20.63 12.94 -0.69
N LYS A 106 -21.06 13.31 0.50
CA LYS A 106 -22.34 13.97 0.71
CA LYS A 106 -22.37 13.92 0.66
C LYS A 106 -22.43 15.33 0.05
N THR A 107 -21.36 16.11 0.18
CA THR A 107 -21.25 17.47 -0.37
C THR A 107 -19.89 17.67 -0.96
N LYS A 108 -19.82 18.63 -1.86
CA LYS A 108 -18.54 19.16 -2.39
CA LYS A 108 -18.54 18.97 -2.37
C LYS A 108 -17.54 19.51 -1.31
N GLN A 109 -18.03 20.19 -0.28
CA GLN A 109 -17.14 20.70 0.75
C GLN A 109 -16.46 19.57 1.51
N ASP A 110 -17.17 18.45 1.68
CA ASP A 110 -16.55 17.32 2.36
C ASP A 110 -15.31 16.86 1.61
N PHE A 111 -15.44 16.77 0.25
CA PHE A 111 -14.29 16.33 -0.58
C PHE A 111 -13.16 17.33 -0.54
N ILE A 112 -13.48 18.61 -0.66
CA ILE A 112 -12.50 19.65 -0.53
C ILE A 112 -11.73 19.55 0.77
N ASP A 113 -12.48 19.50 1.87
CA ASP A 113 -11.88 19.42 3.20
C ASP A 113 -10.97 18.22 3.34
N LEU A 114 -11.39 17.10 2.82
CA LEU A 114 -10.59 15.87 2.81
C LEU A 114 -9.27 16.06 2.04
N ILE A 115 -9.38 16.59 0.80
CA ILE A 115 -8.17 16.81 0.02
C ILE A 115 -7.21 17.72 0.70
N GLU A 116 -7.70 18.78 1.35
CA GLU A 116 -6.87 19.70 2.09
CA GLU A 116 -6.76 19.68 2.00
C GLU A 116 -6.03 18.98 3.15
N VAL A 117 -6.71 18.12 3.90
CA VAL A 117 -6.05 17.35 4.93
C VAL A 117 -5.03 16.35 4.39
N ILE A 118 -5.40 15.63 3.32
CA ILE A 118 -4.46 14.73 2.69
C ILE A 118 -3.21 15.43 2.16
N TYR A 119 -3.46 16.52 1.45
CA TYR A 119 -2.35 17.27 0.85
C TYR A 119 -1.39 17.76 1.93
N ARG A 120 -1.94 18.43 2.94
CA ARG A 120 -1.07 18.98 4.01
C ARG A 120 -0.26 17.87 4.70
N GLY A 121 -0.95 16.78 5.04
CA GLY A 121 -0.21 15.73 5.71
C GLY A 121 0.83 15.11 4.83
N ALA A 122 0.47 14.88 3.56
CA ALA A 122 1.41 14.26 2.65
C ALA A 122 2.66 15.13 2.44
N MET A 123 2.44 16.41 2.34
CA MET A 123 3.54 17.38 2.18
C MET A 123 4.47 17.39 3.39
N ARG A 124 3.95 17.03 4.55
CA ARG A 124 4.74 16.89 5.78
C ARG A 124 5.33 15.47 5.97
N GLY A 125 5.18 14.63 4.98
CA GLY A 125 5.70 13.33 4.98
C GLY A 125 4.86 12.21 5.56
N LYS A 126 3.64 12.54 5.93
CA LYS A 126 2.74 11.55 6.46
CA LYS A 126 2.75 11.53 6.49
C LYS A 126 2.16 10.62 5.43
N LEU A 127 1.77 9.39 5.77
CA LEU A 127 1.18 8.43 4.87
C LEU A 127 -0.24 8.09 5.28
N ILE A 128 -0.63 8.38 6.55
CA ILE A 128 -2.00 8.17 7.03
C ILE A 128 -2.46 9.44 7.68
N VAL A 129 -3.67 9.87 7.43
CA VAL A 129 -4.25 11.06 7.97
C VAL A 129 -5.64 10.77 8.54
N GLN A 130 -6.11 11.69 9.39
CA GLN A 130 -7.48 11.63 9.94
C GLN A 130 -8.47 12.37 9.03
N SER A 131 -9.49 11.72 8.61
CA SER A 131 -10.56 12.40 7.82
C SER A 131 -11.16 13.49 8.59
N PRO A 132 -11.47 14.66 8.08
CA PRO A 132 -12.17 15.74 8.72
C PRO A 132 -13.67 15.66 8.54
N ILE A 133 -14.16 14.70 7.76
CA ILE A 133 -15.55 14.65 7.42
C ILE A 133 -16.38 14.12 8.61
N ASP A 134 -17.49 14.77 8.88
CA ASP A 134 -18.36 14.28 9.98
C ASP A 134 -18.81 12.91 9.62
N PRO A 135 -18.65 11.97 10.57
CA PRO A 135 -19.17 10.61 10.28
C PRO A 135 -20.61 10.46 9.77
N LYS A 136 -21.49 11.40 10.12
CA LYS A 136 -22.89 11.30 9.64
C LYS A 136 -22.91 11.40 8.12
N ASN A 137 -21.83 11.90 7.49
CA ASN A 137 -21.75 12.19 6.05
C ASN A 137 -20.94 11.10 5.35
N ILE A 138 -20.50 10.07 6.06
CA ILE A 138 -19.76 8.95 5.47
C ILE A 138 -20.71 7.85 5.11
N PRO A 139 -20.79 7.44 3.82
CA PRO A 139 -21.71 6.38 3.43
C PRO A 139 -21.48 5.14 4.23
N LYS A 140 -22.56 4.52 4.69
CA LYS A 140 -22.49 3.32 5.50
C LYS A 140 -23.09 2.20 4.67
N TYR A 141 -22.32 1.12 4.52
CA TYR A 141 -22.57 0.12 3.46
C TYR A 141 -21.85 -1.23 3.75
N SER B 1 22.57 -10.74 2.15
CA SER B 1 23.68 -10.63 3.20
C SER B 1 25.16 -10.54 2.64
N PHE B 2 26.27 -10.54 3.43
CA PHE B 2 26.39 -11.23 4.76
C PHE B 2 25.40 -10.81 5.88
N LEU B 3 25.45 -9.56 6.26
CA LEU B 3 24.83 -9.20 7.53
C LEU B 3 23.53 -8.58 7.21
N LEU B 4 22.62 -8.53 8.16
CA LEU B 4 21.39 -7.83 7.87
C LEU B 4 21.42 -6.35 8.19
N PRO B 5 21.08 -5.51 7.23
CA PRO B 5 21.10 -4.09 7.51
C PRO B 5 19.96 -3.70 8.46
N LYS B 6 20.24 -2.69 9.25
CA LYS B 6 19.28 -2.14 10.16
CA LYS B 6 19.29 -2.15 10.15
C LYS B 6 18.91 -0.72 9.63
N LEU B 7 17.61 -0.45 9.58
CA LEU B 7 17.12 0.84 9.34
C LEU B 7 16.39 1.35 10.61
N THR B 8 16.60 2.62 10.94
CA THR B 8 16.10 3.24 12.16
C THR B 8 15.46 4.62 11.98
N SER B 9 14.99 4.92 10.77
CA SER B 9 14.29 6.15 10.49
C SER B 9 13.43 5.99 9.23
N LYS B 10 12.41 6.82 9.17
CA LYS B 10 11.54 6.96 8.00
C LYS B 10 12.35 7.25 6.77
N LYS B 11 13.31 8.14 6.89
CA LYS B 11 14.07 8.52 5.74
C LYS B 11 14.87 7.35 5.16
N GLU B 12 15.43 6.49 6.02
CA GLU B 12 16.15 5.31 5.54
C GLU B 12 15.21 4.35 4.83
N VAL B 13 13.99 4.15 5.35
CA VAL B 13 13.06 3.25 4.71
C VAL B 13 12.65 3.82 3.34
N ASP B 14 12.42 5.12 3.27
CA ASP B 14 12.05 5.78 2.01
C ASP B 14 13.19 5.52 0.98
N GLN B 15 14.43 5.67 1.45
CA GLN B 15 15.59 5.52 0.56
CA GLN B 15 15.56 5.53 0.57
C GLN B 15 15.72 4.08 0.10
N ALA B 16 15.46 3.10 0.94
CA ALA B 16 15.51 1.71 0.50
C ALA B 16 14.46 1.41 -0.53
N ILE B 17 13.29 2.01 -0.33
CA ILE B 17 12.17 1.77 -1.28
C ILE B 17 12.55 2.34 -2.67
N LYS B 18 13.14 3.54 -2.67
CA LYS B 18 13.53 4.28 -3.89
CA LYS B 18 13.45 4.21 -3.94
C LYS B 18 14.74 3.66 -4.59
N SER B 19 15.67 3.07 -3.83
CA SER B 19 16.97 2.66 -4.40
C SER B 19 17.14 1.20 -4.69
N THR B 20 16.20 0.39 -4.26
CA THR B 20 16.26 -1.06 -4.44
C THR B 20 15.62 -1.37 -5.77
N ALA B 21 16.44 -1.69 -6.74
CA ALA B 21 15.99 -1.91 -8.11
C ALA B 21 16.02 -3.40 -8.47
N GLU B 22 14.95 -3.87 -9.10
CA GLU B 22 14.91 -5.21 -9.73
CA GLU B 22 14.85 -5.22 -9.74
C GLU B 22 15.05 -6.41 -8.79
N LYS B 23 14.81 -6.16 -7.54
CA LYS B 23 14.80 -7.14 -6.46
C LYS B 23 13.64 -6.87 -5.47
N VAL B 24 13.17 -7.92 -4.80
CA VAL B 24 12.14 -7.79 -3.84
C VAL B 24 12.77 -7.15 -2.62
N LEU B 25 12.27 -5.98 -2.19
CA LEU B 25 12.70 -5.36 -0.97
C LEU B 25 11.84 -5.90 0.16
N VAL B 26 12.51 -6.52 1.15
CA VAL B 26 11.89 -7.18 2.28
C VAL B 26 12.18 -6.30 3.46
N LEU B 27 11.11 -5.78 4.11
CA LEU B 27 11.23 -4.91 5.27
C LEU B 27 10.62 -5.64 6.48
N ARG B 28 11.46 -6.09 7.41
CA ARG B 28 10.98 -6.76 8.61
C ARG B 28 10.77 -5.67 9.68
N PHE B 29 9.53 -5.36 9.98
CA PHE B 29 9.22 -4.40 11.06
C PHE B 29 9.16 -5.18 12.39
N GLY B 30 10.00 -4.76 13.34
CA GLY B 30 10.08 -5.48 14.55
C GLY B 30 11.04 -4.85 15.52
N ARG B 31 11.47 -5.69 16.44
CA ARG B 31 12.40 -5.32 17.49
C ARG B 31 13.44 -6.46 17.52
N ASP B 32 14.73 -6.10 17.47
CA ASP B 32 15.78 -7.13 17.32
C ASP B 32 15.81 -8.15 18.43
N GLU B 33 15.32 -7.78 19.62
CA GLU B 33 15.35 -8.59 20.84
CA GLU B 33 15.39 -8.75 20.77
C GLU B 33 14.04 -9.40 21.08
N ASP B 34 13.00 -9.12 20.31
CA ASP B 34 11.74 -9.82 20.43
C ASP B 34 11.94 -11.28 20.04
N PRO B 35 11.46 -12.23 20.86
CA PRO B 35 11.74 -13.62 20.53
C PRO B 35 11.27 -14.06 19.15
N VAL B 36 10.13 -13.56 18.67
CA VAL B 36 9.60 -14.09 17.40
C VAL B 36 10.42 -13.45 16.25
N CYS B 37 10.75 -12.18 16.45
CA CYS B 37 11.72 -11.50 15.54
CA CYS B 37 11.72 -11.47 15.62
C CYS B 37 13.06 -12.20 15.53
N LEU B 38 13.55 -12.66 16.67
CA LEU B 38 14.84 -13.40 16.71
C LEU B 38 14.76 -14.63 15.90
N GLN B 39 13.62 -15.33 15.98
CA GLN B 39 13.43 -16.52 15.16
CA GLN B 39 13.39 -16.52 15.16
C GLN B 39 13.38 -16.20 13.66
N LEU B 40 12.60 -15.19 13.30
CA LEU B 40 12.49 -14.75 11.88
C LEU B 40 13.84 -14.28 11.41
N ASP B 41 14.50 -13.48 12.23
CA ASP B 41 15.79 -12.90 11.81
C ASP B 41 16.83 -13.96 11.52
N ASP B 42 16.77 -15.08 12.22
CA ASP B 42 17.66 -16.19 11.92
C ASP B 42 17.35 -16.83 10.55
N ILE B 43 16.05 -16.98 10.23
CA ILE B 43 15.68 -17.42 8.90
C ILE B 43 16.15 -16.43 7.85
N LEU B 44 15.93 -15.15 8.09
CA LEU B 44 16.33 -14.13 7.15
C LEU B 44 17.82 -14.15 6.91
N SER B 45 18.59 -14.23 7.98
CA SER B 45 20.03 -14.27 7.87
CA SER B 45 20.04 -14.32 7.92
C SER B 45 20.49 -15.51 7.11
N LYS B 46 19.96 -16.68 7.46
CA LYS B 46 20.44 -17.91 6.84
C LYS B 46 20.08 -18.08 5.38
N THR B 47 18.92 -17.54 5.00
CA THR B 47 18.39 -17.70 3.64
C THR B 47 18.82 -16.56 2.73
N SER B 48 19.38 -15.50 3.30
CA SER B 48 19.65 -14.29 2.54
C SER B 48 20.56 -14.48 1.35
N SER B 49 21.61 -15.30 1.49
CA SER B 49 22.51 -15.60 0.40
C SER B 49 21.84 -16.34 -0.78
N ASP B 50 21.14 -17.45 -0.51
CA ASP B 50 20.43 -18.16 -1.54
C ASP B 50 19.36 -17.27 -2.20
N LEU B 51 18.88 -16.23 -1.50
CA LEU B 51 17.89 -15.27 -2.05
C LEU B 51 18.47 -13.93 -2.55
N SER B 52 19.77 -13.78 -2.50
CA SER B 52 20.41 -12.48 -2.83
C SER B 52 20.21 -11.98 -4.27
N LYS B 53 19.95 -12.93 -5.18
CA LYS B 53 19.62 -12.55 -6.56
CA LYS B 53 19.58 -12.59 -6.57
C LYS B 53 18.16 -12.01 -6.72
N MET B 54 17.28 -12.36 -5.78
CA MET B 54 15.86 -12.09 -5.86
C MET B 54 15.40 -11.02 -4.85
N ALA B 55 16.20 -10.75 -3.80
CA ALA B 55 15.70 -10.03 -2.66
C ALA B 55 16.78 -9.26 -1.94
N ALA B 56 16.44 -8.11 -1.35
CA ALA B 56 17.27 -7.36 -0.44
C ALA B 56 16.50 -7.21 0.89
N ILE B 57 17.09 -7.69 1.98
CA ILE B 57 16.36 -7.85 3.20
C ILE B 57 16.90 -6.82 4.21
N TYR B 58 16.02 -6.08 4.86
CA TYR B 58 16.35 -5.06 5.82
C TYR B 58 15.50 -5.27 7.07
N LEU B 59 16.12 -5.00 8.21
CA LEU B 59 15.41 -5.00 9.47
C LEU B 59 15.06 -3.57 9.79
N VAL B 60 13.84 -3.33 10.25
CA VAL B 60 13.36 -1.99 10.52
C VAL B 60 12.84 -1.92 11.98
N ASP B 61 13.37 -0.95 12.73
CA ASP B 61 12.99 -0.74 14.12
C ASP B 61 11.64 -0.08 14.16
N VAL B 62 10.64 -0.85 14.49
CA VAL B 62 9.26 -0.41 14.47
C VAL B 62 9.05 0.84 15.29
N ASP B 63 9.76 0.95 16.40
CA ASP B 63 9.56 2.06 17.27
C ASP B 63 10.11 3.37 16.85
N GLN B 64 10.96 3.33 15.80
CA GLN B 64 11.66 4.52 15.28
C GLN B 64 11.24 4.93 13.91
N THR B 65 10.19 4.32 13.38
CA THR B 65 9.73 4.63 12.01
CA THR B 65 9.75 4.64 12.01
C THR B 65 8.22 4.94 11.99
N ALA B 66 7.80 5.90 12.82
CA ALA B 66 6.38 6.19 13.02
C ALA B 66 5.58 6.29 11.75
N VAL B 67 6.04 7.02 10.74
CA VAL B 67 5.23 7.22 9.57
C VAL B 67 4.82 5.87 8.97
N TYR B 68 5.78 4.95 8.85
CA TYR B 68 5.52 3.65 8.33
C TYR B 68 4.79 2.67 9.27
N THR B 69 5.18 2.68 10.54
CA THR B 69 4.53 1.84 11.52
C THR B 69 3.02 2.17 11.61
N GLN B 70 2.73 3.45 11.61
CA GLN B 70 1.34 3.89 11.64
C GLN B 70 0.62 3.60 10.32
N TYR B 71 1.29 3.85 9.16
CA TYR B 71 0.69 3.53 7.89
C TYR B 71 0.31 2.11 7.73
N PHE B 72 1.23 1.19 8.04
CA PHE B 72 0.96 -0.22 7.94
C PHE B 72 0.15 -0.82 9.12
N ASP B 73 -0.15 0.03 10.08
CA ASP B 73 -0.83 -0.38 11.32
C ASP B 73 -0.16 -1.59 11.93
N ILE B 74 1.11 -1.48 12.16
CA ILE B 74 1.86 -2.60 12.74
C ILE B 74 1.44 -2.74 14.23
N SER B 75 0.76 -3.84 14.47
CA SER B 75 0.12 -4.19 15.74
C SER B 75 0.67 -5.45 16.36
N TYR B 76 1.31 -6.28 15.57
CA TYR B 76 1.94 -7.54 16.06
C TYR B 76 3.29 -7.58 15.32
N ILE B 77 4.34 -8.01 15.99
CA ILE B 77 5.64 -8.18 15.37
C ILE B 77 6.10 -9.61 15.44
N PRO B 78 6.85 -10.06 14.43
CA PRO B 78 7.28 -9.30 13.25
C PRO B 78 6.09 -9.14 12.28
N SER B 79 6.16 -8.06 11.56
CA SER B 79 5.35 -7.82 10.38
C SER B 79 6.27 -7.44 9.24
N THR B 80 6.12 -8.13 8.12
N THR B 80 6.14 -8.16 8.15
CA THR B 80 7.06 -7.98 7.04
CA THR B 80 7.06 -7.97 7.05
C THR B 80 6.27 -7.46 5.82
C THR B 80 6.29 -7.49 5.82
N VAL B 81 6.87 -6.47 5.19
CA VAL B 81 6.32 -5.76 4.04
CA VAL B 81 6.26 -5.94 3.97
C VAL B 81 7.26 -5.98 2.81
N PHE B 82 6.71 -6.00 1.61
CA PHE B 82 7.44 -6.28 0.39
C PHE B 82 7.19 -5.17 -0.60
N PHE B 83 8.27 -4.77 -1.26
CA PHE B 83 8.22 -3.81 -2.36
C PHE B 83 8.98 -4.34 -3.57
N PHE B 84 8.63 -3.83 -4.78
CA PHE B 84 9.41 -4.15 -6.00
C PHE B 84 9.37 -2.95 -6.88
N ASN B 85 10.53 -2.38 -7.15
CA ASN B 85 10.64 -1.15 -7.95
C ASN B 85 9.71 0.03 -7.47
N GLY B 86 9.59 0.16 -6.15
CA GLY B 86 8.91 1.24 -5.54
C GLY B 86 7.44 0.96 -5.40
N GLN B 87 6.97 -0.21 -5.81
CA GLN B 87 5.58 -0.59 -5.62
C GLN B 87 5.45 -1.56 -4.47
N HIS B 88 4.44 -1.31 -3.64
CA HIS B 88 4.12 -2.20 -2.51
C HIS B 88 3.49 -3.45 -3.11
N MET B 89 4.12 -4.59 -2.88
CA MET B 89 3.65 -5.87 -3.36
C MET B 89 2.81 -6.55 -2.26
N LYS B 90 1.55 -6.90 -2.55
CA LYS B 90 0.67 -7.52 -1.60
C LYS B 90 0.69 -9.02 -1.71
N VAL B 91 0.39 -9.69 -0.61
CA VAL B 91 0.48 -11.12 -0.49
C VAL B 91 -0.75 -11.67 0.19
N ASP B 92 -1.52 -12.52 -0.48
CA ASP B 92 -2.67 -13.18 0.10
C ASP B 92 -2.22 -14.52 0.66
N TYR B 93 -2.24 -14.60 1.97
CA TYR B 93 -1.86 -15.82 2.64
C TYR B 93 -3.05 -16.42 3.40
N GLY B 94 -4.25 -16.09 2.91
CA GLY B 94 -5.48 -16.66 3.38
C GLY B 94 -6.24 -15.81 4.35
N SER B 95 -5.55 -14.85 4.94
CA SER B 95 -6.04 -13.87 5.89
C SER B 95 -6.61 -12.67 5.17
N PRO B 96 -7.49 -11.89 5.80
CA PRO B 96 -8.04 -10.71 5.09
C PRO B 96 -7.07 -9.63 4.77
N ASP B 97 -5.97 -9.52 5.52
CA ASP B 97 -4.98 -8.48 5.25
C ASP B 97 -3.85 -8.95 4.36
N HIS B 98 -3.76 -8.32 3.19
CA HIS B 98 -2.81 -8.69 2.17
C HIS B 98 -1.61 -7.74 2.19
N THR B 99 -1.63 -6.76 3.13
CA THR B 99 -0.65 -5.68 3.06
C THR B 99 0.68 -5.96 3.71
N LYS B 100 0.70 -6.91 4.62
CA LYS B 100 1.85 -7.23 5.41
C LYS B 100 1.66 -8.69 5.86
N PHE B 101 2.79 -9.36 6.05
CA PHE B 101 2.86 -10.77 6.38
C PHE B 101 3.22 -10.77 7.88
N VAL B 102 2.29 -11.22 8.71
CA VAL B 102 2.42 -11.13 10.18
C VAL B 102 2.80 -12.51 10.67
N GLY B 103 3.97 -12.55 11.29
CA GLY B 103 4.52 -13.74 11.94
C GLY B 103 5.79 -14.21 11.23
N SER B 104 6.40 -15.19 11.84
CA SER B 104 7.55 -15.78 11.24
C SER B 104 7.13 -16.93 10.32
N PHE B 105 8.14 -17.55 9.72
CA PHE B 105 7.96 -18.63 8.81
C PHE B 105 8.25 -19.97 9.47
N LYS B 106 7.51 -21.02 9.07
CA LYS B 106 7.69 -22.39 9.57
CA LYS B 106 7.64 -22.43 9.54
C LYS B 106 9.08 -22.92 9.36
N THR B 107 9.55 -22.77 8.14
CA THR B 107 10.86 -23.20 7.71
C THR B 107 11.54 -22.15 6.87
N LYS B 108 12.82 -22.35 6.69
CA LYS B 108 13.63 -21.50 5.83
CA LYS B 108 13.67 -21.55 5.81
C LYS B 108 13.13 -21.64 4.38
N GLN B 109 12.83 -22.87 3.97
CA GLN B 109 12.38 -23.07 2.57
CA GLN B 109 12.26 -23.28 2.67
C GLN B 109 11.03 -22.42 2.32
N ASP B 110 10.18 -22.31 3.33
CA ASP B 110 8.89 -21.61 3.19
C ASP B 110 9.10 -20.16 2.87
N PHE B 111 10.03 -19.52 3.55
CA PHE B 111 10.42 -18.15 3.18
C PHE B 111 10.97 -18.01 1.73
N ILE B 112 11.92 -18.89 1.34
CA ILE B 112 12.47 -18.90 -0.01
C ILE B 112 11.30 -19.02 -0.97
N ASP B 113 10.40 -19.95 -0.72
CA ASP B 113 9.25 -20.28 -1.62
C ASP B 113 8.33 -19.05 -1.83
N LEU B 114 8.08 -18.34 -0.73
CA LEU B 114 7.33 -17.06 -0.83
C LEU B 114 8.06 -15.99 -1.64
N ILE B 115 9.32 -15.78 -1.27
CA ILE B 115 10.13 -14.85 -2.02
C ILE B 115 10.12 -15.15 -3.56
N GLU B 116 10.33 -16.40 -3.98
CA GLU B 116 10.30 -16.79 -5.40
CA GLU B 116 10.32 -16.73 -5.42
C GLU B 116 9.00 -16.33 -6.04
N VAL B 117 7.91 -16.58 -5.31
CA VAL B 117 6.55 -16.25 -5.76
C VAL B 117 6.37 -14.74 -5.98
N ILE B 118 6.84 -13.96 -5.02
CA ILE B 118 6.80 -12.53 -5.15
C ILE B 118 7.66 -12.00 -6.31
N TYR B 119 8.93 -12.47 -6.38
CA TYR B 119 9.82 -12.06 -7.42
C TYR B 119 9.30 -12.34 -8.83
N ARG B 120 8.83 -13.56 -9.04
CA ARG B 120 8.38 -13.98 -10.35
CA ARG B 120 8.32 -14.04 -10.33
C ARG B 120 7.06 -13.28 -10.71
N GLY B 121 6.16 -13.08 -9.71
CA GLY B 121 5.00 -12.25 -9.99
C GLY B 121 5.38 -10.81 -10.35
N ALA B 122 6.25 -10.18 -9.53
CA ALA B 122 6.64 -8.78 -9.75
C ALA B 122 7.33 -8.58 -11.15
N MET B 123 8.23 -9.46 -11.52
CA MET B 123 8.88 -9.50 -12.87
C MET B 123 7.86 -9.60 -14.03
N ARG B 124 6.74 -10.26 -13.78
CA ARG B 124 5.62 -10.36 -14.74
CA ARG B 124 5.64 -10.34 -14.75
C ARG B 124 4.65 -9.16 -14.63
N GLY B 125 4.93 -8.19 -13.75
CA GLY B 125 4.09 -7.04 -13.62
C GLY B 125 2.87 -7.25 -12.70
N LYS B 126 2.86 -8.34 -11.91
CA LYS B 126 1.84 -8.49 -10.89
C LYS B 126 2.10 -7.56 -9.67
N LEU B 127 1.01 -7.20 -8.98
CA LEU B 127 1.02 -6.37 -7.79
C LEU B 127 0.54 -7.11 -6.51
N ILE B 128 -0.13 -8.22 -6.66
CA ILE B 128 -0.59 -9.05 -5.57
C ILE B 128 -0.40 -10.48 -5.99
N VAL B 129 0.16 -11.27 -5.06
CA VAL B 129 0.38 -12.71 -5.30
C VAL B 129 -0.24 -13.52 -4.17
N GLN B 130 -0.60 -14.76 -4.45
CA GLN B 130 -1.06 -15.66 -3.36
CA GLN B 130 -1.03 -15.72 -3.44
C GLN B 130 0.17 -16.42 -2.81
N SER B 131 0.25 -16.54 -1.50
CA SER B 131 1.41 -17.18 -0.91
C SER B 131 1.20 -18.66 -1.02
N PRO B 132 2.29 -19.41 -1.37
CA PRO B 132 2.26 -20.83 -1.42
C PRO B 132 2.34 -21.52 -0.04
N ILE B 133 2.55 -20.70 1.02
CA ILE B 133 2.80 -21.06 2.37
CA ILE B 133 2.79 -21.11 2.34
C ILE B 133 1.96 -20.28 3.33
N ASP B 134 1.79 -20.83 4.52
CA ASP B 134 1.03 -20.19 5.60
C ASP B 134 2.05 -19.72 6.67
N PRO B 135 1.79 -18.58 7.30
CA PRO B 135 2.66 -18.16 8.42
C PRO B 135 2.56 -18.99 9.70
N LYS B 136 3.62 -18.87 10.49
CA LYS B 136 3.60 -19.42 11.84
C LYS B 136 2.70 -18.53 12.66
N ASN B 137 1.99 -19.18 13.57
N ASN B 137 1.86 -19.17 13.46
CA ASN B 137 0.89 -18.61 14.29
CA ASN B 137 0.79 -18.49 14.16
C ASN B 137 1.28 -17.51 15.28
C ASN B 137 1.31 -17.47 15.15
N ILE B 138 0.52 -16.42 15.36
CA ILE B 138 0.77 -15.38 16.38
C ILE B 138 -0.43 -15.34 17.37
N PRO B 139 -0.22 -15.76 18.60
CA PRO B 139 -1.35 -15.90 19.52
C PRO B 139 -1.98 -14.54 19.86
N LYS B 140 -3.31 -14.47 19.93
CA LYS B 140 -3.98 -13.22 20.34
C LYS B 140 -5.03 -13.50 21.39
N TYR B 141 -5.41 -12.42 22.08
CA TYR B 141 -6.57 -12.41 22.97
C TYR B 141 -7.96 -12.37 22.26
C1 GLC C . -6.87 1.13 14.94
C2 GLC C . -7.61 1.52 13.70
C3 GLC C . -8.97 2.05 13.96
C4 GLC C . -9.73 1.09 14.86
C5 GLC C . -8.92 0.83 16.13
C6 GLC C . -9.59 -0.16 17.07
O2 GLC C . -6.86 2.49 12.93
O3 GLC C . -9.64 2.16 12.70
O4 GLC C . -11.05 1.54 15.23
O5 GLC C . -7.68 0.21 15.69
O6 GLC C . -9.78 -1.39 16.41
C1 FRU C . -4.26 2.94 15.52
C2 FRU C . -5.25 2.22 16.43
C3 FRU C . -5.50 2.74 17.87
C4 FRU C . -5.97 1.48 18.50
C5 FRU C . -5.02 0.43 17.97
C6 FRU C . -5.58 -0.98 17.90
O1 FRU C . -3.00 2.92 16.19
O2 FRU C . -6.54 2.30 15.73
O3 FRU C . -6.34 3.83 17.95
O4 FRU C . -5.88 1.58 19.97
O5 FRU C . -4.82 0.89 16.61
O6 FRU C . -4.67 -1.93 17.31
#